data_5FGN
#
_entry.id   5FGN
#
_cell.length_a   187.285
_cell.length_b   187.285
_cell.length_c   205.125
_cell.angle_alpha   90.000
_cell.angle_beta   90.000
_cell.angle_gamma   90.000
#
_symmetry.space_group_name_H-M   'I 4 2 2'
#
loop_
_entity.id
_entity.type
_entity.pdbx_description
1 polymer 'lipooligosaccharide phosphoethanolamine transferase A'
2 non-polymer 2-O-octyl-beta-D-glucopyranose
3 non-polymer DODECYL-BETA-D-MALTOSIDE
4 non-polymer 'ZINC ION'
5 water water
#
_entity_poly.entity_id   1
_entity_poly.type   'polypeptide(L)'
_entity_poly.pdbx_seq_one_letter_code
;MIKPNLRPKLGSSALIAFLSLYSSLVLNYAFFAKVVELHPFNGTGADIFLYTMPVVLFFLSNFVFHVIALPFVHKVLIPL
ILVISAAVSYQEIFFNIYFNKSMLNNVLQTTAAESARLITPGYVLWIVCLGVLPALAYIAVKVKYRVWYKEFLTRLVLAA
VSFLCALGIAMLQYQDYASFFRNNKSVTHLIVPSNFIGAGVSKYKDWKRSNIPYTQLDMAVVQNRPAGSLRRFVVLVVGE
TTRAANWGLNGYSRQTTPLLAARGDEIVNFPQVRSCGTSTAHSLPCMFSTFDRTDYDEIKAEHQDNLLDIVQRAGVEVTW
LENDSGCKGVCGKVPNTDVTSLNLPEYCRNGECLDNILLTKFDEVLNKNDKDAVLILHTIGSHGPTYYERYTEAERKFTP
TCDTNEINKCTRATLVNTYDNTVLYVDQFIDKVIRKLENRDDLESVVHYVSDHGESLGENGMYLHAAPYAIAPSGQTHIP
MVMWFSKAFRQHGGIDFQCLKQKAAENEYSHDHYFSTVLGLMDISNSQTYRKEMDILAACRRPRHHHHHH
;
_entity_poly.pdbx_strand_id   A
#
loop_
_chem_comp.id
_chem_comp.type
_chem_comp.name
_chem_comp.formula
BGL D-saccharide, beta linking 2-O-octyl-beta-D-glucopyranose 'C14 H28 O6'
LMT D-saccharide DODECYL-BETA-D-MALTOSIDE 'C24 H46 O11'
ZN non-polymer 'ZINC ION' 'Zn 2'
#
# COMPACT_ATOMS: atom_id res chain seq x y z
N PRO A 8 25.52 24.93 -28.69
CA PRO A 8 24.56 25.04 -27.58
C PRO A 8 24.58 26.43 -26.97
N LYS A 9 24.18 26.54 -25.71
CA LYS A 9 24.25 27.81 -24.99
C LYS A 9 25.29 27.72 -23.87
N LEU A 10 25.96 28.82 -23.60
CA LEU A 10 27.06 28.83 -22.64
C LEU A 10 26.71 29.57 -21.35
N GLY A 11 26.72 28.85 -20.24
CA GLY A 11 26.47 29.45 -18.94
C GLY A 11 27.56 29.10 -17.95
N SER A 12 27.71 29.91 -16.91
CA SER A 12 28.70 29.67 -15.86
C SER A 12 28.16 28.77 -14.75
N SER A 13 27.50 29.38 -13.77
CA SER A 13 26.62 28.70 -12.79
C SER A 13 26.25 29.60 -11.60
N ALA A 14 25.16 30.37 -11.68
CA ALA A 14 24.31 30.61 -12.87
C ALA A 14 23.44 29.41 -13.29
N LEU A 15 24.01 28.49 -14.06
CA LEU A 15 23.28 27.30 -14.48
C LEU A 15 22.58 26.65 -13.30
N ILE A 16 23.18 26.76 -12.11
CA ILE A 16 22.65 26.10 -10.94
C ILE A 16 21.64 26.96 -10.20
N ALA A 17 21.71 28.27 -10.37
CA ALA A 17 20.69 29.13 -9.81
C ALA A 17 19.39 28.93 -10.59
N PHE A 18 19.53 28.68 -11.89
CA PHE A 18 18.37 28.44 -12.73
C PHE A 18 17.75 27.11 -12.39
N LEU A 19 18.58 26.07 -12.29
CA LEU A 19 18.15 24.77 -11.84
C LEU A 19 17.39 24.88 -10.54
N SER A 20 17.88 25.70 -9.63
CA SER A 20 17.28 25.83 -8.31
C SER A 20 16.01 26.65 -8.35
N LEU A 21 15.96 27.63 -9.25
CA LEU A 21 14.75 28.39 -9.47
C LEU A 21 13.66 27.46 -9.96
N TYR A 22 14.03 26.59 -10.88
CA TYR A 22 13.09 25.65 -11.43
C TYR A 22 12.59 24.71 -10.34
N SER A 23 13.49 23.87 -9.83
CA SER A 23 13.11 22.85 -8.85
C SER A 23 12.32 23.39 -7.66
N SER A 24 12.71 24.52 -7.11
CA SER A 24 12.05 25.04 -5.92
C SER A 24 10.78 25.83 -6.24
N LEU A 25 10.70 26.41 -7.43
CA LEU A 25 9.57 27.29 -7.76
C LEU A 25 8.54 26.69 -8.73
N VAL A 26 8.95 25.73 -9.56
CA VAL A 26 8.02 25.14 -10.51
C VAL A 26 7.50 23.81 -9.99
N LEU A 27 8.39 22.83 -9.85
CA LEU A 27 8.03 21.61 -9.14
C LEU A 27 7.77 21.99 -7.68
N ASN A 28 7.50 21.01 -6.84
CA ASN A 28 7.24 21.33 -5.43
C ASN A 28 5.99 22.18 -5.22
N TYR A 29 5.10 22.20 -6.20
CA TYR A 29 3.83 22.88 -6.04
C TYR A 29 3.04 22.20 -4.94
N ALA A 30 3.08 20.88 -4.93
CA ALA A 30 2.39 20.10 -3.90
C ALA A 30 2.81 20.50 -2.51
N PHE A 31 4.11 20.74 -2.33
CA PHE A 31 4.63 21.10 -1.01
C PHE A 31 4.06 22.42 -0.53
N PHE A 32 4.08 23.43 -1.37
CA PHE A 32 3.61 24.76 -0.98
C PHE A 32 2.11 24.81 -0.90
N ALA A 33 1.47 23.95 -1.69
CA ALA A 33 0.02 23.80 -1.62
C ALA A 33 -0.37 23.26 -0.25
N LYS A 34 0.36 22.26 0.23
CA LYS A 34 0.06 21.65 1.51
C LYS A 34 0.23 22.60 2.68
N VAL A 35 1.24 23.47 2.64
CA VAL A 35 1.49 24.35 3.77
C VAL A 35 0.50 25.51 3.79
N VAL A 36 0.04 25.97 2.63
CA VAL A 36 -0.98 27.02 2.61
C VAL A 36 -2.31 26.45 3.11
N GLU A 37 -2.54 25.18 2.86
CA GLU A 37 -3.73 24.52 3.39
C GLU A 37 -3.63 24.38 4.89
N LEU A 38 -2.44 24.04 5.38
CA LEU A 38 -2.23 23.82 6.80
C LEU A 38 -2.02 25.14 7.51
N HIS A 39 -1.57 26.13 6.76
CA HIS A 39 -1.23 27.43 7.32
C HIS A 39 -1.73 28.51 6.38
N PRO A 40 -3.02 28.81 6.44
CA PRO A 40 -3.71 29.69 5.49
C PRO A 40 -3.30 31.15 5.61
N PHE A 41 -3.32 31.86 4.48
CA PHE A 41 -3.20 33.31 4.48
C PHE A 41 -4.32 33.91 5.32
N ASN A 42 -4.12 35.13 5.83
CA ASN A 42 -5.19 35.83 6.52
C ASN A 42 -4.94 37.34 6.57
N GLY A 43 -3.73 37.74 6.22
CA GLY A 43 -3.38 39.14 6.14
C GLY A 43 -2.68 39.70 7.37
N THR A 44 -2.66 38.93 8.45
CA THR A 44 -2.10 39.43 9.70
C THR A 44 -0.59 39.57 9.65
N GLY A 45 -0.02 39.53 8.45
CA GLY A 45 1.40 39.74 8.30
C GLY A 45 2.22 38.52 8.69
N ALA A 46 1.55 37.50 9.23
CA ALA A 46 2.23 36.24 9.54
C ALA A 46 2.34 35.41 8.27
N ASP A 47 1.91 36.00 7.17
CA ASP A 47 1.97 35.35 5.86
C ASP A 47 3.37 35.41 5.28
N ILE A 48 4.24 36.18 5.92
CA ILE A 48 5.65 36.21 5.55
C ILE A 48 6.22 34.81 5.66
N PHE A 49 5.63 34.03 6.56
CA PHE A 49 6.01 32.64 6.73
C PHE A 49 5.75 31.87 5.45
N LEU A 50 4.74 32.28 4.71
CA LEU A 50 4.40 31.62 3.46
C LEU A 50 5.17 32.23 2.29
N TYR A 51 5.17 33.55 2.22
CA TYR A 51 5.87 34.25 1.13
C TYR A 51 7.33 33.92 1.06
N THR A 52 8.01 34.01 2.20
CA THR A 52 9.44 33.76 2.23
C THR A 52 9.78 32.30 1.99
N MET A 53 8.80 31.41 2.19
CA MET A 53 9.09 29.98 2.21
C MET A 53 9.65 29.43 0.91
N PRO A 54 9.14 29.89 -0.24
CA PRO A 54 9.76 29.51 -1.51
C PRO A 54 11.22 29.98 -1.61
N VAL A 55 11.47 31.19 -1.13
CA VAL A 55 12.82 31.74 -1.07
C VAL A 55 13.75 30.83 -0.28
N VAL A 56 13.30 30.41 0.90
CA VAL A 56 14.02 29.43 1.70
C VAL A 56 14.34 28.18 0.91
N LEU A 57 13.35 27.64 0.22
CA LEU A 57 13.55 26.40 -0.51
C LEU A 57 14.47 26.63 -1.69
N PHE A 58 14.39 27.82 -2.28
CA PHE A 58 15.32 28.16 -3.35
C PHE A 58 16.74 28.10 -2.87
N PHE A 59 17.01 28.82 -1.79
CA PHE A 59 18.33 28.86 -1.19
C PHE A 59 18.77 27.46 -0.80
N LEU A 60 17.88 26.71 -0.18
CA LEU A 60 18.22 25.37 0.24
C LEU A 60 18.51 24.46 -0.95
N SER A 61 17.89 24.75 -2.09
CA SER A 61 18.07 23.91 -3.27
C SER A 61 19.36 24.28 -3.97
N ASN A 62 19.66 25.57 -3.96
CA ASN A 62 20.92 26.08 -4.47
C ASN A 62 22.08 25.44 -3.72
N PHE A 63 21.96 25.38 -2.41
CA PHE A 63 22.92 24.71 -1.55
C PHE A 63 23.20 23.28 -2.00
N VAL A 64 22.22 22.39 -1.90
CA VAL A 64 22.49 20.98 -2.17
C VAL A 64 22.86 20.72 -3.64
N PHE A 65 22.41 21.58 -4.54
CA PHE A 65 22.73 21.41 -5.95
C PHE A 65 24.17 21.82 -6.30
N HIS A 66 24.73 22.76 -5.53
CA HIS A 66 26.15 23.06 -5.69
C HIS A 66 26.99 21.88 -5.26
N VAL A 67 26.57 21.18 -4.22
CA VAL A 67 27.27 20.00 -3.75
C VAL A 67 27.09 18.78 -4.65
N ILE A 68 25.95 18.67 -5.33
CA ILE A 68 25.66 17.52 -6.18
C ILE A 68 26.12 17.69 -7.63
N ALA A 69 25.93 18.88 -8.19
CA ALA A 69 26.25 19.13 -9.58
C ALA A 69 27.76 19.14 -9.84
N LEU A 70 28.39 17.99 -9.72
CA LEU A 70 29.82 17.88 -9.97
C LEU A 70 30.11 17.47 -11.40
N PRO A 71 31.14 18.06 -12.00
CA PRO A 71 31.55 17.69 -13.35
C PRO A 71 32.24 16.34 -13.38
N PHE A 72 32.01 15.56 -14.43
CA PHE A 72 30.97 15.93 -15.37
C PHE A 72 29.90 14.86 -15.24
N VAL A 73 29.79 14.31 -14.04
CA VAL A 73 28.72 13.39 -13.68
C VAL A 73 27.38 14.10 -13.61
N HIS A 74 27.41 15.42 -13.47
CA HIS A 74 26.18 16.19 -13.33
C HIS A 74 25.35 16.16 -14.61
N LYS A 75 25.99 16.00 -15.75
CA LYS A 75 25.28 15.93 -17.01
C LYS A 75 24.46 14.66 -17.09
N VAL A 76 24.74 13.71 -16.21
CA VAL A 76 23.92 12.51 -16.09
C VAL A 76 22.97 12.60 -14.90
N LEU A 77 23.49 13.03 -13.77
CA LEU A 77 22.77 12.97 -12.51
C LEU A 77 21.65 14.00 -12.38
N ILE A 78 21.82 15.17 -12.97
CA ILE A 78 20.80 16.20 -12.81
C ILE A 78 19.59 15.94 -13.69
N PRO A 79 19.81 15.57 -14.97
CA PRO A 79 18.65 15.20 -15.79
C PRO A 79 17.81 14.08 -15.17
N LEU A 80 18.44 13.11 -14.52
CA LEU A 80 17.70 12.05 -13.84
C LEU A 80 16.81 12.61 -12.76
N ILE A 81 17.35 13.55 -12.00
CA ILE A 81 16.62 14.14 -10.89
C ILE A 81 15.47 14.99 -11.39
N LEU A 82 15.71 15.74 -12.45
CA LEU A 82 14.66 16.57 -13.05
C LEU A 82 13.54 15.72 -13.62
N VAL A 83 13.89 14.65 -14.32
CA VAL A 83 12.90 13.75 -14.89
C VAL A 83 12.10 13.03 -13.80
N ILE A 84 12.76 12.63 -12.72
CA ILE A 84 12.06 11.93 -11.64
C ILE A 84 11.19 12.86 -10.80
N SER A 85 11.66 14.08 -10.57
CA SER A 85 10.89 15.06 -9.84
C SER A 85 9.57 15.34 -10.54
N ALA A 86 9.62 15.37 -11.87
CA ALA A 86 8.43 15.56 -12.67
C ALA A 86 7.46 14.38 -12.46
N ALA A 87 7.99 13.17 -12.57
CA ALA A 87 7.21 11.97 -12.37
C ALA A 87 6.59 11.90 -10.97
N VAL A 88 7.30 12.43 -9.99
CA VAL A 88 6.83 12.40 -8.60
C VAL A 88 5.88 13.55 -8.32
N SER A 89 6.25 14.76 -8.73
CA SER A 89 5.42 15.92 -8.43
C SER A 89 4.03 15.80 -9.04
N TYR A 90 3.91 15.13 -10.19
CA TYR A 90 2.61 14.94 -10.83
C TYR A 90 1.64 14.22 -9.92
N GLN A 91 2.02 13.07 -9.40
CA GLN A 91 1.16 12.35 -8.47
C GLN A 91 1.08 13.01 -7.10
N GLU A 92 2.02 13.85 -6.74
CA GLU A 92 1.89 14.56 -5.48
C GLU A 92 0.87 15.67 -5.62
N ILE A 93 0.87 16.31 -6.78
CA ILE A 93 -0.05 17.40 -7.06
C ILE A 93 -1.48 16.93 -7.25
N PHE A 94 -1.69 15.83 -7.95
CA PHE A 94 -3.06 15.46 -8.33
C PHE A 94 -3.62 14.30 -7.51
N PHE A 95 -2.76 13.42 -7.03
CA PHE A 95 -3.19 12.26 -6.29
C PHE A 95 -2.93 12.46 -4.81
N ASN A 96 -2.04 13.39 -4.52
CA ASN A 96 -1.74 13.74 -3.15
C ASN A 96 -0.93 12.68 -2.43
N ILE A 97 -0.01 12.03 -3.15
CA ILE A 97 0.84 11.05 -2.50
C ILE A 97 2.07 11.67 -1.82
N TYR A 98 2.74 10.86 -1.00
CA TYR A 98 3.99 11.23 -0.37
C TYR A 98 5.06 10.28 -0.85
N PHE A 99 6.26 10.78 -1.08
CA PHE A 99 7.33 9.87 -1.45
C PHE A 99 8.25 9.63 -0.29
N ASN A 100 7.94 8.61 0.50
CA ASN A 100 8.78 8.16 1.59
C ASN A 100 9.42 6.84 1.25
N LYS A 101 10.00 6.18 2.23
CA LYS A 101 10.69 4.92 1.96
C LYS A 101 9.70 3.88 1.48
N SER A 102 8.56 3.81 2.15
CA SER A 102 7.51 2.87 1.77
C SER A 102 7.04 3.08 0.32
N MET A 103 6.96 4.33 -0.12
CA MET A 103 6.56 4.60 -1.49
C MET A 103 7.61 4.09 -2.47
N LEU A 104 8.87 4.08 -2.05
CA LEU A 104 9.92 3.53 -2.88
C LEU A 104 9.80 2.02 -2.94
N ASN A 105 9.41 1.41 -1.83
CA ASN A 105 9.17 -0.02 -1.81
C ASN A 105 8.03 -0.41 -2.75
N ASN A 106 7.03 0.46 -2.87
CA ASN A 106 5.98 0.29 -3.86
C ASN A 106 6.58 0.26 -5.25
N VAL A 107 7.22 1.36 -5.62
CA VAL A 107 7.88 1.47 -6.92
C VAL A 107 8.84 0.33 -7.21
N LEU A 108 9.48 -0.21 -6.18
CA LEU A 108 10.49 -1.23 -6.39
C LEU A 108 9.89 -2.62 -6.43
N GLN A 109 8.72 -2.79 -5.85
CA GLN A 109 8.07 -4.09 -5.77
C GLN A 109 6.97 -4.25 -6.80
N THR A 110 6.86 -3.31 -7.73
CA THR A 110 5.73 -3.30 -8.66
C THR A 110 5.97 -4.14 -9.89
N THR A 111 5.00 -4.13 -10.82
CA THR A 111 5.11 -4.87 -12.08
C THR A 111 4.74 -3.99 -13.25
N ALA A 112 4.91 -4.50 -14.46
CA ALA A 112 4.64 -3.72 -15.66
C ALA A 112 3.16 -3.48 -15.82
N ALA A 113 2.37 -4.52 -15.58
CA ALA A 113 0.93 -4.42 -15.66
C ALA A 113 0.42 -3.41 -14.64
N GLU A 114 0.95 -3.52 -13.43
CA GLU A 114 0.44 -2.76 -12.30
C GLU A 114 0.72 -1.28 -12.41
N SER A 115 1.90 -0.94 -12.93
CA SER A 115 2.33 0.45 -12.99
C SER A 115 1.92 1.12 -14.28
N ALA A 116 1.81 0.36 -15.36
CA ALA A 116 1.38 0.90 -16.63
C ALA A 116 -0.01 1.53 -16.55
N ARG A 117 -0.85 1.01 -15.66
CA ARG A 117 -2.18 1.59 -15.45
C ARG A 117 -2.14 3.00 -14.93
N LEU A 118 -0.96 3.46 -14.51
CA LEU A 118 -0.80 4.80 -13.96
C LEU A 118 -0.57 5.84 -15.05
N ILE A 119 -0.20 5.36 -16.23
CA ILE A 119 0.12 6.24 -17.35
C ILE A 119 -1.12 6.79 -18.04
N THR A 120 -1.14 8.11 -18.19
CA THR A 120 -2.17 8.78 -18.94
C THR A 120 -1.49 9.78 -19.83
N PRO A 121 -2.19 10.34 -20.81
CA PRO A 121 -1.58 11.33 -21.70
C PRO A 121 -1.11 12.58 -20.97
N GLY A 122 -1.86 13.02 -19.97
CA GLY A 122 -1.46 14.18 -19.18
C GLY A 122 -0.23 13.90 -18.34
N TYR A 123 -0.12 12.67 -17.87
CA TYR A 123 1.05 12.25 -17.13
C TYR A 123 2.28 12.27 -18.02
N VAL A 124 2.19 11.61 -19.17
CA VAL A 124 3.25 11.60 -20.15
C VAL A 124 3.61 13.02 -20.58
N LEU A 125 2.59 13.83 -20.80
CA LEU A 125 2.80 15.21 -21.21
C LEU A 125 3.50 16.02 -20.11
N TRP A 126 3.12 15.75 -18.87
CA TRP A 126 3.71 16.40 -17.71
C TRP A 126 5.20 16.08 -17.62
N ILE A 127 5.50 14.78 -17.55
CA ILE A 127 6.88 14.32 -17.48
C ILE A 127 7.73 14.90 -18.58
N VAL A 128 7.19 14.91 -19.80
CA VAL A 128 7.98 15.34 -20.95
C VAL A 128 8.19 16.85 -20.99
N CYS A 129 7.22 17.61 -20.54
CA CYS A 129 7.34 19.06 -20.59
C CYS A 129 8.01 19.65 -19.37
N LEU A 130 7.84 18.99 -18.23
CA LEU A 130 8.39 19.51 -16.98
C LEU A 130 9.59 18.71 -16.52
N GLY A 131 9.88 17.62 -17.22
CA GLY A 131 10.98 16.74 -16.84
C GLY A 131 12.00 16.58 -17.94
N VAL A 132 11.62 15.88 -19.01
CA VAL A 132 12.54 15.60 -20.09
C VAL A 132 13.04 16.86 -20.78
N LEU A 133 12.19 17.87 -20.89
CA LEU A 133 12.57 19.07 -21.63
C LEU A 133 13.59 19.89 -20.87
N PRO A 134 13.29 20.24 -19.60
CA PRO A 134 14.30 20.94 -18.79
C PRO A 134 15.59 20.13 -18.70
N ALA A 135 15.48 18.81 -18.67
CA ALA A 135 16.65 17.95 -18.73
C ALA A 135 17.46 18.21 -19.98
N LEU A 136 16.79 18.26 -21.13
CA LEU A 136 17.49 18.49 -22.40
C LEU A 136 18.07 19.87 -22.43
N ALA A 137 17.30 20.86 -21.99
CA ALA A 137 17.78 22.22 -21.93
C ALA A 137 19.06 22.25 -21.13
N TYR A 138 19.03 21.59 -19.97
CA TYR A 138 20.19 21.49 -19.09
C TYR A 138 21.40 20.83 -19.77
N ILE A 139 21.21 19.62 -20.29
CA ILE A 139 22.27 18.88 -21.00
C ILE A 139 22.83 19.66 -22.20
N ALA A 140 22.01 20.50 -22.80
CA ALA A 140 22.46 21.29 -23.94
C ALA A 140 23.52 22.29 -23.51
N VAL A 141 23.23 23.02 -22.44
CA VAL A 141 24.12 24.07 -21.94
C VAL A 141 25.55 23.60 -21.73
N LYS A 142 26.48 24.24 -22.45
CA LYS A 142 27.91 24.05 -22.21
C LYS A 142 28.36 25.01 -21.12
N VAL A 143 28.95 24.46 -20.07
CA VAL A 143 29.23 25.26 -18.89
C VAL A 143 30.67 25.77 -18.87
N LYS A 144 30.82 27.08 -18.68
CA LYS A 144 32.12 27.73 -18.67
C LYS A 144 32.77 27.70 -17.29
N TYR A 145 33.47 26.60 -16.98
CA TYR A 145 34.21 26.52 -15.72
C TYR A 145 35.34 27.55 -15.67
N ARG A 146 35.67 27.96 -14.45
CA ARG A 146 36.84 28.78 -14.21
C ARG A 146 38.02 27.90 -13.82
N VAL A 147 39.12 28.51 -13.42
CA VAL A 147 40.29 27.75 -13.00
C VAL A 147 39.92 26.93 -11.78
N TRP A 148 40.36 25.68 -11.75
CA TRP A 148 39.88 24.73 -10.75
C TRP A 148 40.03 25.23 -9.31
N TYR A 149 40.84 26.25 -9.09
CA TYR A 149 40.90 26.87 -7.77
C TYR A 149 39.91 28.05 -7.71
N LYS A 150 39.82 28.80 -8.80
CA LYS A 150 38.91 29.95 -8.86
C LYS A 150 37.47 29.45 -8.94
N GLU A 151 37.31 28.27 -9.52
CA GLU A 151 35.99 27.66 -9.70
C GLU A 151 35.54 27.04 -8.39
N PHE A 152 36.46 26.37 -7.71
CA PHE A 152 36.20 25.73 -6.43
C PHE A 152 35.79 26.71 -5.35
N LEU A 153 36.46 27.85 -5.27
CA LEU A 153 36.16 28.85 -4.26
C LEU A 153 34.78 29.44 -4.48
N THR A 154 34.45 29.68 -5.74
CA THR A 154 33.20 30.32 -6.10
C THR A 154 31.98 29.44 -5.78
N ARG A 155 32.15 28.13 -5.94
CA ARG A 155 31.12 27.16 -5.60
C ARG A 155 30.83 27.12 -4.11
N LEU A 156 31.88 27.04 -3.30
CA LEU A 156 31.70 26.79 -1.87
C LEU A 156 31.15 28.01 -1.13
N VAL A 157 31.44 29.20 -1.63
CA VAL A 157 30.91 30.40 -0.98
C VAL A 157 29.42 30.59 -1.28
N LEU A 158 29.03 30.35 -2.54
CA LEU A 158 27.62 30.41 -2.92
C LEU A 158 26.81 29.36 -2.18
N ALA A 159 27.32 28.14 -2.15
CA ALA A 159 26.63 27.03 -1.50
C ALA A 159 26.38 27.32 -0.01
N ALA A 160 27.29 28.05 0.62
CA ALA A 160 27.22 28.29 2.04
C ALA A 160 26.37 29.50 2.39
N VAL A 161 26.48 30.55 1.60
CA VAL A 161 25.64 31.73 1.82
C VAL A 161 24.18 31.36 1.60
N SER A 162 23.94 30.46 0.65
CA SER A 162 22.62 29.94 0.41
C SER A 162 22.05 29.35 1.69
N PHE A 163 22.76 28.38 2.26
CA PHE A 163 22.36 27.75 3.50
C PHE A 163 22.06 28.77 4.59
N LEU A 164 23.03 29.63 4.86
CA LEU A 164 22.86 30.67 5.87
C LEU A 164 21.69 31.59 5.54
N CYS A 165 21.50 31.89 4.26
CA CYS A 165 20.36 32.70 3.86
C CYS A 165 19.06 32.00 4.22
N ALA A 166 19.03 30.69 4.01
CA ALA A 166 17.86 29.90 4.38
C ALA A 166 17.76 29.80 5.90
N LEU A 167 18.90 29.59 6.56
CA LEU A 167 18.92 29.46 8.01
C LEU A 167 18.53 30.76 8.68
N GLY A 168 18.95 31.87 8.10
CA GLY A 168 18.62 33.17 8.65
C GLY A 168 17.15 33.47 8.53
N ILE A 169 16.63 33.35 7.31
CA ILE A 169 15.23 33.60 7.03
C ILE A 169 14.32 32.75 7.90
N ALA A 170 14.73 31.51 8.15
CA ALA A 170 13.95 30.63 9.01
C ALA A 170 14.15 31.00 10.47
N MET A 171 15.40 31.23 10.86
CA MET A 171 15.72 31.57 12.25
C MET A 171 15.06 32.87 12.68
N LEU A 172 14.94 33.80 11.75
CA LEU A 172 14.22 35.03 12.00
C LEU A 172 12.77 34.73 12.34
N GLN A 173 12.30 33.56 11.94
CA GLN A 173 10.92 33.15 12.20
C GLN A 173 10.88 31.81 12.92
N TYR A 174 11.68 31.66 13.97
CA TYR A 174 11.94 30.35 14.56
C TYR A 174 10.69 29.66 15.10
N GLN A 175 9.83 30.38 15.79
CA GLN A 175 8.67 29.75 16.42
C GLN A 175 7.62 29.31 15.40
N ASP A 176 7.56 29.99 14.28
CA ASP A 176 6.68 29.56 13.19
C ASP A 176 7.18 28.26 12.58
N TYR A 177 8.48 28.20 12.33
CA TYR A 177 9.08 27.01 11.77
C TYR A 177 9.00 25.86 12.75
N ALA A 178 9.39 26.09 14.00
CA ALA A 178 9.33 25.06 15.03
C ALA A 178 7.94 24.48 15.20
N SER A 179 6.94 25.35 15.35
CA SER A 179 5.55 24.90 15.45
C SER A 179 5.16 24.07 14.25
N PHE A 180 5.19 24.71 13.08
CA PHE A 180 4.66 24.11 11.88
C PHE A 180 5.24 22.75 11.57
N PHE A 181 6.54 22.57 11.76
CA PHE A 181 7.17 21.33 11.34
C PHE A 181 7.21 20.26 12.41
N ARG A 182 6.89 20.63 13.65
CA ARG A 182 6.76 19.61 14.68
C ARG A 182 5.39 19.00 14.59
N ASN A 183 4.45 19.79 14.10
CA ASN A 183 3.08 19.34 13.93
C ASN A 183 2.88 18.62 12.60
N ASN A 184 3.65 18.99 11.61
CA ASN A 184 3.49 18.44 10.28
C ASN A 184 4.78 17.82 9.77
N LYS A 185 5.21 16.77 10.46
CA LYS A 185 6.53 16.17 10.26
C LYS A 185 6.67 15.43 8.95
N SER A 186 5.55 15.12 8.31
CA SER A 186 5.56 14.31 7.09
C SER A 186 5.55 15.17 5.85
N VAL A 187 5.20 16.43 6.02
CA VAL A 187 5.09 17.37 4.91
C VAL A 187 6.42 17.49 4.18
N THR A 188 7.43 16.90 4.78
CA THR A 188 8.77 16.90 4.25
C THR A 188 8.93 15.88 3.15
N HIS A 189 8.11 14.83 3.19
CA HIS A 189 8.15 13.81 2.15
C HIS A 189 7.50 14.31 0.88
N LEU A 190 7.07 15.56 0.89
CA LEU A 190 6.52 16.18 -0.31
C LEU A 190 7.55 16.96 -1.12
N ILE A 191 8.65 17.35 -0.49
CA ILE A 191 9.65 18.19 -1.12
C ILE A 191 10.54 17.40 -2.08
N VAL A 192 10.60 17.83 -3.33
CA VAL A 192 11.49 17.23 -4.31
C VAL A 192 12.74 18.09 -4.43
N PRO A 193 13.91 17.45 -4.60
CA PRO A 193 14.14 16.00 -4.66
C PRO A 193 14.63 15.37 -3.37
N SER A 194 14.66 16.11 -2.26
CA SER A 194 15.10 15.54 -1.00
C SER A 194 14.27 14.30 -0.69
N ASN A 195 13.00 14.39 -1.09
CA ASN A 195 12.07 13.27 -1.27
C ASN A 195 12.64 11.89 -1.39
N PHE A 196 13.03 11.57 -2.61
CA PHE A 196 13.32 10.21 -3.01
C PHE A 196 14.77 9.87 -2.82
N ILE A 197 15.61 10.90 -2.86
CA ILE A 197 17.00 10.77 -2.41
C ILE A 197 17.05 10.30 -0.97
N GLY A 198 16.41 11.05 -0.08
CA GLY A 198 16.25 10.64 1.29
C GLY A 198 15.73 9.23 1.45
N ALA A 199 14.76 8.85 0.65
CA ALA A 199 14.20 7.51 0.71
C ALA A 199 15.18 6.52 0.12
N GLY A 200 15.90 6.97 -0.89
CA GLY A 200 16.91 6.16 -1.54
C GLY A 200 18.07 5.75 -0.64
N VAL A 201 18.62 6.69 0.12
CA VAL A 201 19.72 6.34 1.00
C VAL A 201 19.17 5.52 2.16
N SER A 202 18.03 5.94 2.71
CA SER A 202 17.35 5.18 3.75
C SER A 202 17.10 3.73 3.34
N LYS A 203 16.83 3.50 2.07
CA LYS A 203 16.69 2.14 1.57
C LYS A 203 18.07 1.51 1.35
N TYR A 204 19.06 2.32 0.99
CA TYR A 204 20.43 1.83 0.86
C TYR A 204 20.94 1.35 2.21
N LYS A 205 20.75 2.16 3.23
CA LYS A 205 21.08 1.76 4.59
C LYS A 205 20.42 0.42 4.92
N ASP A 206 19.17 0.25 4.50
CA ASP A 206 18.48 -1.02 4.70
C ASP A 206 19.11 -2.15 3.90
N TRP A 207 19.71 -1.84 2.76
CA TRP A 207 20.29 -2.85 1.90
C TRP A 207 21.50 -3.49 2.57
N LYS A 208 22.35 -2.65 3.16
CA LYS A 208 23.56 -3.14 3.83
C LYS A 208 23.22 -3.89 5.11
N ARG A 209 22.26 -3.38 5.87
CA ARG A 209 21.86 -3.97 7.15
C ARG A 209 21.06 -5.27 6.96
N SER A 210 21.00 -5.77 5.73
CA SER A 210 20.16 -6.91 5.39
C SER A 210 20.93 -8.20 5.17
N ASN A 211 22.18 -8.23 5.59
CA ASN A 211 23.05 -9.38 5.33
C ASN A 211 22.85 -10.51 6.33
N ILE A 212 21.91 -10.31 7.26
CA ILE A 212 21.66 -11.24 8.35
C ILE A 212 21.22 -12.63 7.89
N PRO A 213 21.30 -13.62 8.78
CA PRO A 213 20.95 -15.01 8.48
C PRO A 213 19.46 -15.26 8.60
N TYR A 214 19.02 -16.44 8.19
CA TYR A 214 17.61 -16.76 8.22
C TYR A 214 17.20 -17.51 9.48
N THR A 215 16.48 -16.83 10.36
CA THR A 215 15.89 -17.47 11.53
C THR A 215 14.68 -18.29 11.17
N GLN A 216 14.60 -19.51 11.71
CA GLN A 216 13.38 -20.30 11.61
C GLN A 216 12.70 -20.27 12.95
N LEU A 217 11.38 -20.40 12.96
CA LEU A 217 10.62 -20.28 14.19
C LEU A 217 9.68 -21.47 14.37
N ASP A 218 9.33 -21.75 15.61
CA ASP A 218 8.41 -22.83 15.95
C ASP A 218 8.72 -24.14 15.26
N MET A 219 9.76 -24.83 15.69
CA MET A 219 10.27 -25.96 14.94
C MET A 219 9.62 -27.26 15.36
N ALA A 220 8.90 -27.24 16.46
CA ALA A 220 8.33 -28.46 17.02
C ALA A 220 6.80 -28.55 16.87
N VAL A 221 6.24 -27.67 16.05
CA VAL A 221 4.79 -27.61 15.87
C VAL A 221 4.24 -28.85 15.20
N VAL A 222 3.09 -29.29 15.68
CA VAL A 222 2.38 -30.40 15.09
C VAL A 222 0.91 -30.14 15.22
N GLN A 223 0.11 -30.77 14.37
CA GLN A 223 -1.33 -30.69 14.53
C GLN A 223 -1.75 -31.59 15.67
N ASN A 224 -2.77 -31.16 16.39
CA ASN A 224 -3.32 -31.98 17.45
C ASN A 224 -4.84 -32.00 17.32
N ARG A 225 -5.32 -32.52 16.19
CA ARG A 225 -6.74 -32.66 15.94
C ARG A 225 -7.20 -33.88 16.68
N PRO A 226 -8.42 -33.87 17.23
CA PRO A 226 -8.88 -35.09 17.87
C PRO A 226 -8.87 -36.24 16.89
N ALA A 227 -8.88 -37.47 17.36
CA ALA A 227 -9.06 -38.58 16.45
C ALA A 227 -10.50 -38.57 15.95
N GLY A 228 -10.73 -39.02 14.72
CA GLY A 228 -12.07 -39.07 14.18
C GLY A 228 -12.64 -37.73 13.78
N SER A 229 -11.75 -36.84 13.33
CA SER A 229 -12.11 -35.50 12.94
C SER A 229 -12.25 -35.38 11.43
N LEU A 230 -13.23 -34.61 10.99
CA LEU A 230 -13.39 -34.30 9.57
C LEU A 230 -12.24 -33.44 9.13
N ARG A 231 -11.91 -33.51 7.85
CA ARG A 231 -10.91 -32.65 7.27
C ARG A 231 -11.25 -31.21 7.56
N ARG A 232 -10.25 -30.37 7.74
CA ARG A 232 -10.47 -28.99 8.09
C ARG A 232 -9.87 -28.16 6.98
N PHE A 233 -10.70 -27.42 6.27
CA PHE A 233 -10.29 -26.71 5.06
C PHE A 233 -10.52 -25.23 5.30
N VAL A 234 -9.45 -24.44 5.25
CA VAL A 234 -9.56 -23.02 5.56
C VAL A 234 -9.14 -22.20 4.36
N VAL A 235 -9.98 -21.25 3.97
CA VAL A 235 -9.64 -20.42 2.83
C VAL A 235 -9.42 -19.03 3.37
N LEU A 236 -8.31 -18.43 2.98
CA LEU A 236 -8.03 -17.06 3.34
C LEU A 236 -8.08 -16.21 2.10
N VAL A 237 -9.06 -15.35 2.02
CA VAL A 237 -9.15 -14.43 0.91
C VAL A 237 -8.48 -13.15 1.33
N VAL A 238 -7.40 -12.80 0.64
CA VAL A 238 -6.73 -11.55 0.92
C VAL A 238 -7.22 -10.52 -0.08
N GLY A 239 -7.87 -9.48 0.43
CA GLY A 239 -8.43 -8.44 -0.40
C GLY A 239 -7.41 -7.44 -0.86
N GLU A 240 -7.85 -6.48 -1.66
CA GLU A 240 -6.98 -5.42 -2.11
C GLU A 240 -7.79 -4.14 -2.16
N THR A 241 -7.34 -3.12 -1.43
CA THR A 241 -7.86 -1.76 -1.61
C THR A 241 -9.31 -1.54 -1.15
N THR A 242 -10.02 -2.61 -0.82
CA THR A 242 -11.39 -2.49 -0.33
C THR A 242 -11.42 -1.92 1.09
N ARG A 243 -12.20 -0.87 1.28
CA ARG A 243 -12.27 -0.20 2.55
C ARG A 243 -13.59 -0.42 3.24
N ALA A 244 -13.63 -0.22 4.55
CA ALA A 244 -14.80 -0.55 5.35
C ALA A 244 -15.98 0.41 5.15
N ALA A 245 -15.69 1.64 4.74
CA ALA A 245 -16.71 2.68 4.68
C ALA A 245 -17.68 2.45 3.53
N ASN A 246 -17.31 1.57 2.62
CA ASN A 246 -18.13 1.25 1.46
C ASN A 246 -18.56 -0.19 1.43
N TRP A 247 -18.69 -0.76 2.62
CA TRP A 247 -18.95 -2.16 2.80
C TRP A 247 -20.37 -2.28 3.35
N GLY A 248 -21.21 -3.00 2.63
CA GLY A 248 -22.62 -3.07 2.91
C GLY A 248 -22.97 -3.52 4.31
N LEU A 249 -22.34 -4.61 4.73
CA LEU A 249 -22.55 -5.15 6.06
C LEU A 249 -22.26 -4.18 7.21
N ASN A 250 -21.45 -3.16 6.93
CA ASN A 250 -21.05 -2.17 7.92
C ASN A 250 -22.00 -0.99 7.98
N GLY A 251 -23.13 -1.08 7.27
CA GLY A 251 -24.14 -0.05 7.31
C GLY A 251 -24.04 1.06 6.29
N TYR A 252 -23.30 0.83 5.23
CA TYR A 252 -23.15 1.80 4.15
C TYR A 252 -24.49 1.99 3.42
N SER A 253 -24.75 3.24 3.01
CA SER A 253 -25.98 3.61 2.32
C SER A 253 -26.39 2.69 1.18
N ARG A 254 -25.41 2.11 0.51
CA ARG A 254 -25.68 1.18 -0.56
C ARG A 254 -25.35 -0.23 -0.10
N GLN A 255 -26.18 -1.18 -0.46
CA GLN A 255 -25.87 -2.57 -0.16
C GLN A 255 -24.89 -3.05 -1.19
N THR A 256 -23.62 -2.93 -0.88
CA THR A 256 -22.57 -3.35 -1.80
C THR A 256 -22.18 -4.80 -1.56
N THR A 257 -22.77 -5.41 -0.55
CA THR A 257 -22.53 -6.81 -0.25
C THR A 257 -23.85 -7.53 -0.09
N PRO A 258 -24.68 -7.53 -1.14
CA PRO A 258 -26.03 -8.09 -1.11
C PRO A 258 -26.08 -9.62 -0.97
N LEU A 259 -25.11 -10.31 -1.56
CA LEU A 259 -25.05 -11.75 -1.48
C LEU A 259 -24.67 -12.25 -0.08
N LEU A 260 -23.75 -11.53 0.57
CA LEU A 260 -23.36 -11.85 1.94
C LEU A 260 -24.35 -11.35 2.96
N ALA A 261 -25.05 -10.26 2.63
CA ALA A 261 -26.13 -9.78 3.47
C ALA A 261 -27.28 -10.77 3.45
N ALA A 262 -27.49 -11.38 2.28
CA ALA A 262 -28.56 -12.35 2.11
C ALA A 262 -28.35 -13.61 2.91
N ARG A 263 -27.09 -13.96 3.16
CA ARG A 263 -26.77 -15.16 3.93
C ARG A 263 -27.02 -14.96 5.40
N GLY A 264 -27.32 -13.73 5.77
CA GLY A 264 -27.73 -13.44 7.14
C GLY A 264 -26.68 -13.73 8.18
N ASP A 265 -27.10 -14.48 9.19
CA ASP A 265 -26.37 -14.67 10.42
C ASP A 265 -25.12 -15.53 10.30
N GLU A 266 -25.05 -16.37 9.29
CA GLU A 266 -23.96 -17.32 9.14
C GLU A 266 -22.66 -16.63 8.76
N ILE A 267 -22.78 -15.36 8.43
CA ILE A 267 -21.65 -14.51 8.10
C ILE A 267 -21.38 -13.57 9.25
N VAL A 268 -20.21 -13.70 9.85
CA VAL A 268 -19.79 -12.80 10.93
C VAL A 268 -19.05 -11.59 10.37
N ASN A 269 -19.57 -10.41 10.66
CA ASN A 269 -18.96 -9.19 10.18
C ASN A 269 -18.30 -8.42 11.32
N PHE A 270 -17.09 -7.94 11.05
CA PHE A 270 -16.33 -7.12 11.94
C PHE A 270 -16.33 -5.66 11.52
N PRO A 271 -17.15 -4.83 12.16
CA PRO A 271 -17.25 -3.42 11.82
C PRO A 271 -16.08 -2.52 12.25
N GLN A 272 -15.14 -3.02 13.03
CA GLN A 272 -14.01 -2.20 13.46
C GLN A 272 -12.69 -2.98 13.35
N VAL A 273 -12.04 -2.87 12.21
CA VAL A 273 -10.77 -3.53 11.94
C VAL A 273 -9.89 -2.54 11.22
N ARG A 274 -8.60 -2.47 11.60
CA ARG A 274 -7.66 -1.60 10.90
C ARG A 274 -6.48 -2.37 10.36
N SER A 275 -5.82 -1.80 9.37
CA SER A 275 -4.73 -2.48 8.71
C SER A 275 -3.36 -2.22 9.36
N CYS A 276 -2.42 -3.07 8.99
CA CYS A 276 -1.05 -2.95 9.43
C CYS A 276 -0.41 -1.77 8.70
N GLY A 277 -0.69 -1.68 7.40
CA GLY A 277 -0.15 -0.62 6.57
C GLY A 277 -1.22 -0.10 5.64
N THR A 278 -0.83 0.76 4.70
CA THR A 278 -1.74 1.34 3.76
C THR A 278 -1.25 1.09 2.35
N SER A 279 -0.40 0.08 2.21
CA SER A 279 0.05 -0.39 0.91
C SER A 279 0.24 -1.88 0.97
N THR A 280 0.26 -2.49 -0.20
CA THR A 280 0.27 -3.93 -0.29
C THR A 280 1.61 -4.46 0.17
N ALA A 281 2.65 -3.77 -0.28
CA ALA A 281 4.03 -4.12 0.00
C ALA A 281 4.30 -4.13 1.49
N HIS A 282 3.64 -3.23 2.22
CA HIS A 282 3.73 -3.18 3.67
C HIS A 282 2.80 -4.17 4.37
N SER A 283 1.52 -4.14 4.05
CA SER A 283 0.53 -4.93 4.79
C SER A 283 0.64 -6.43 4.62
N LEU A 284 0.97 -6.87 3.43
CA LEU A 284 1.00 -8.30 3.19
C LEU A 284 2.01 -8.99 4.09
N PRO A 285 3.30 -8.62 3.95
CA PRO A 285 4.36 -9.29 4.69
C PRO A 285 4.16 -9.14 6.20
N CYS A 286 3.61 -8.01 6.61
CA CYS A 286 3.38 -7.73 8.01
C CYS A 286 2.30 -8.60 8.63
N MET A 287 1.20 -8.83 7.92
CA MET A 287 0.04 -9.51 8.48
C MET A 287 0.29 -11.02 8.55
N PHE A 288 1.18 -11.51 7.70
CA PHE A 288 1.61 -12.89 7.77
C PHE A 288 2.85 -13.11 8.65
N SER A 289 3.40 -12.02 9.19
CA SER A 289 4.54 -12.12 10.08
C SER A 289 4.06 -12.07 11.51
N THR A 290 4.96 -12.42 12.43
CA THR A 290 4.66 -12.46 13.84
C THR A 290 4.58 -11.06 14.45
N PHE A 291 5.09 -10.07 13.75
CA PHE A 291 5.16 -8.74 14.32
C PHE A 291 3.84 -8.01 14.34
N ASP A 292 3.41 -7.56 15.50
CA ASP A 292 2.36 -6.57 15.59
C ASP A 292 2.76 -5.36 14.78
N ARG A 293 1.80 -4.53 14.43
CA ARG A 293 2.07 -3.41 13.56
C ARG A 293 3.17 -2.52 14.10
N THR A 294 3.12 -2.24 15.40
CA THR A 294 4.07 -1.31 16.03
C THR A 294 5.42 -1.94 16.34
N ASP A 295 5.55 -3.26 16.18
CA ASP A 295 6.81 -3.97 16.29
C ASP A 295 7.34 -4.39 14.93
N TYR A 296 6.66 -4.02 13.85
CA TYR A 296 6.96 -4.64 12.57
C TYR A 296 8.26 -4.10 12.02
N ASP A 297 9.17 -5.01 11.70
CA ASP A 297 10.40 -4.64 11.05
C ASP A 297 10.47 -5.33 9.71
N GLU A 298 10.59 -4.52 8.67
CA GLU A 298 10.64 -5.00 7.32
C GLU A 298 11.71 -6.06 7.12
N ILE A 299 12.90 -5.81 7.68
CA ILE A 299 14.06 -6.68 7.47
C ILE A 299 14.00 -7.97 8.27
N LYS A 300 13.71 -7.87 9.55
CA LYS A 300 13.55 -9.05 10.37
C LYS A 300 12.42 -9.95 9.83
N ALA A 301 11.34 -9.32 9.40
CA ALA A 301 10.20 -10.06 8.87
C ALA A 301 10.57 -10.82 7.60
N GLU A 302 11.43 -10.23 6.78
CA GLU A 302 11.82 -10.87 5.54
C GLU A 302 12.74 -12.05 5.80
N HIS A 303 13.35 -12.09 6.98
CA HIS A 303 14.36 -13.11 7.27
C HIS A 303 14.00 -13.98 8.45
N GLN A 304 12.71 -14.22 8.63
CA GLN A 304 12.26 -15.25 9.56
C GLN A 304 11.07 -15.97 8.98
N ASP A 305 10.67 -17.04 9.63
CA ASP A 305 9.52 -17.80 9.21
C ASP A 305 8.27 -16.96 9.38
N ASN A 306 7.32 -17.07 8.45
CA ASN A 306 6.03 -16.44 8.65
C ASN A 306 4.98 -17.50 8.94
N LEU A 307 3.72 -17.09 8.98
CA LEU A 307 2.60 -17.95 9.34
C LEU A 307 2.49 -19.20 8.46
N LEU A 308 2.71 -19.05 7.16
CA LEU A 308 2.55 -20.15 6.23
C LEU A 308 3.66 -21.18 6.36
N ASP A 309 4.87 -20.70 6.65
CA ASP A 309 6.02 -21.56 6.93
C ASP A 309 5.79 -22.48 8.11
N ILE A 310 5.30 -21.90 9.20
CA ILE A 310 4.99 -22.63 10.41
C ILE A 310 3.82 -23.59 10.25
N VAL A 311 2.72 -23.09 9.68
CA VAL A 311 1.52 -23.89 9.46
C VAL A 311 1.82 -25.07 8.53
N GLN A 312 2.68 -24.85 7.54
CA GLN A 312 3.11 -25.94 6.68
C GLN A 312 3.95 -26.98 7.41
N ARG A 313 4.72 -26.54 8.40
CA ARG A 313 5.57 -27.44 9.17
C ARG A 313 4.75 -28.38 10.03
N ALA A 314 3.54 -27.96 10.36
CA ALA A 314 2.72 -28.71 11.27
C ALA A 314 1.94 -29.78 10.55
N GLY A 315 2.17 -29.91 9.25
CA GLY A 315 1.52 -30.94 8.48
C GLY A 315 0.30 -30.49 7.68
N VAL A 316 -0.01 -29.21 7.79
CA VAL A 316 -1.08 -28.61 7.03
C VAL A 316 -0.66 -28.37 5.58
N GLU A 317 -1.59 -28.55 4.65
CA GLU A 317 -1.31 -28.35 3.24
C GLU A 317 -1.59 -26.90 2.85
N VAL A 318 -0.54 -26.15 2.55
CA VAL A 318 -0.69 -24.73 2.26
C VAL A 318 -0.53 -24.45 0.78
N THR A 319 -1.55 -23.84 0.17
CA THR A 319 -1.46 -23.42 -1.22
C THR A 319 -1.80 -21.95 -1.32
N TRP A 320 -1.08 -21.24 -2.16
CA TRP A 320 -1.31 -19.83 -2.40
C TRP A 320 -1.58 -19.56 -3.87
N LEU A 321 -2.79 -19.15 -4.21
CA LEU A 321 -3.09 -18.74 -5.57
C LEU A 321 -3.09 -17.22 -5.67
N GLU A 322 -2.36 -16.70 -6.65
CA GLU A 322 -2.06 -15.29 -6.74
C GLU A 322 -2.75 -14.59 -7.90
N ASN A 323 -3.44 -13.49 -7.61
CA ASN A 323 -4.00 -12.66 -8.67
C ASN A 323 -3.82 -11.17 -8.43
N ASP A 324 -2.83 -10.80 -7.63
CA ASP A 324 -2.42 -9.40 -7.60
C ASP A 324 -1.08 -9.32 -8.32
N SER A 325 -0.17 -8.49 -7.82
CA SER A 325 1.10 -8.30 -8.51
C SER A 325 2.20 -9.12 -7.87
N GLY A 326 1.81 -10.01 -6.97
CA GLY A 326 2.74 -10.91 -6.32
C GLY A 326 2.51 -11.04 -4.84
N CYS A 327 3.07 -12.09 -4.23
CA CYS A 327 2.86 -12.33 -2.82
C CYS A 327 3.89 -11.66 -1.93
N LYS A 328 4.63 -10.70 -2.48
CA LYS A 328 5.47 -9.85 -1.66
C LYS A 328 6.40 -10.67 -0.77
N GLY A 329 6.76 -11.86 -1.24
CA GLY A 329 7.69 -12.71 -0.52
C GLY A 329 7.11 -13.66 0.50
N VAL A 330 5.79 -13.65 0.67
CA VAL A 330 5.17 -14.43 1.74
C VAL A 330 5.01 -15.92 1.41
N CYS A 331 4.94 -16.25 0.12
CA CYS A 331 4.58 -17.61 -0.30
C CYS A 331 5.71 -18.46 -0.91
N GLY A 332 6.91 -17.90 -1.04
CA GLY A 332 8.00 -18.58 -1.71
C GLY A 332 8.29 -20.03 -1.32
N LYS A 333 7.98 -20.39 -0.08
CA LYS A 333 8.33 -21.70 0.42
C LYS A 333 7.12 -22.60 0.59
N VAL A 334 6.01 -22.24 -0.05
CA VAL A 334 4.82 -23.08 -0.06
C VAL A 334 4.35 -23.22 -1.49
N PRO A 335 3.61 -24.28 -1.80
CA PRO A 335 3.11 -24.42 -3.17
C PRO A 335 2.30 -23.20 -3.59
N ASN A 336 2.61 -22.63 -4.73
CA ASN A 336 1.93 -21.44 -5.18
C ASN A 336 1.82 -21.35 -6.69
N THR A 337 0.94 -20.48 -7.15
CA THR A 337 0.65 -20.35 -8.57
C THR A 337 0.31 -18.92 -8.95
N ASP A 338 0.96 -18.41 -9.99
CA ASP A 338 0.62 -17.12 -10.57
C ASP A 338 -0.54 -17.33 -11.52
N VAL A 339 -1.76 -17.24 -11.00
CA VAL A 339 -2.95 -17.50 -11.78
C VAL A 339 -3.13 -16.46 -12.89
N THR A 340 -2.67 -15.24 -12.63
CA THR A 340 -2.82 -14.16 -13.60
C THR A 340 -2.13 -14.46 -14.93
N SER A 341 -1.10 -15.29 -14.87
CA SER A 341 -0.27 -15.53 -16.05
C SER A 341 -0.92 -16.50 -17.04
N LEU A 342 -2.05 -17.07 -16.65
CA LEU A 342 -2.78 -17.96 -17.53
C LEU A 342 -3.47 -17.21 -18.67
N ASN A 343 -3.55 -15.89 -18.56
CA ASN A 343 -4.08 -15.00 -19.59
C ASN A 343 -5.29 -15.55 -20.35
N LEU A 344 -6.31 -15.95 -19.60
CA LEU A 344 -7.56 -16.43 -20.16
C LEU A 344 -8.41 -15.25 -20.59
N PRO A 345 -8.76 -15.18 -21.89
CA PRO A 345 -9.42 -13.99 -22.41
C PRO A 345 -10.78 -13.75 -21.78
N GLU A 346 -11.33 -14.77 -21.15
CA GLU A 346 -12.59 -14.61 -20.43
C GLU A 346 -12.47 -13.74 -19.19
N TYR A 347 -11.24 -13.62 -18.66
CA TYR A 347 -11.02 -12.88 -17.43
C TYR A 347 -9.95 -11.81 -17.59
N CYS A 348 -9.05 -12.01 -18.53
CA CYS A 348 -7.81 -11.26 -18.53
C CYS A 348 -7.68 -10.30 -19.69
N ARG A 349 -7.11 -9.14 -19.40
CA ARG A 349 -6.80 -8.15 -20.42
C ARG A 349 -5.68 -7.27 -19.88
N ASN A 350 -4.65 -7.05 -20.69
CA ASN A 350 -3.59 -6.13 -20.30
C ASN A 350 -2.80 -6.61 -19.10
N GLY A 351 -2.68 -7.92 -18.96
CA GLY A 351 -1.88 -8.50 -17.90
C GLY A 351 -2.55 -8.54 -16.53
N GLU A 352 -3.80 -8.12 -16.43
CA GLU A 352 -4.51 -8.27 -15.17
C GLU A 352 -5.80 -9.07 -15.39
N CYS A 353 -6.36 -9.62 -14.31
CA CYS A 353 -7.48 -10.56 -14.38
C CYS A 353 -8.59 -10.28 -13.39
N LEU A 354 -9.80 -10.70 -13.75
CA LEU A 354 -10.91 -10.66 -12.82
C LEU A 354 -10.75 -11.80 -11.84
N ASP A 355 -11.05 -11.53 -10.57
CA ASP A 355 -10.68 -12.47 -9.52
C ASP A 355 -11.33 -13.83 -9.65
N ASN A 356 -12.38 -13.92 -10.44
CA ASN A 356 -13.11 -15.16 -10.54
C ASN A 356 -12.30 -16.20 -11.28
N ILE A 357 -11.16 -15.80 -11.82
CA ILE A 357 -10.28 -16.74 -12.48
C ILE A 357 -9.67 -17.67 -11.45
N LEU A 358 -9.51 -17.16 -10.23
CA LEU A 358 -8.98 -17.93 -9.11
C LEU A 358 -9.84 -19.15 -8.84
N LEU A 359 -11.14 -19.07 -9.12
CA LEU A 359 -12.07 -20.15 -8.78
C LEU A 359 -11.91 -21.35 -9.70
N THR A 360 -11.23 -21.16 -10.81
CA THR A 360 -11.00 -22.24 -11.75
C THR A 360 -9.93 -23.21 -11.24
N LYS A 361 -9.07 -22.73 -10.35
CA LYS A 361 -8.00 -23.55 -9.79
C LYS A 361 -8.32 -24.05 -8.39
N PHE A 362 -9.46 -23.59 -7.86
CA PHE A 362 -9.91 -23.92 -6.51
C PHE A 362 -10.16 -25.41 -6.26
N ASP A 363 -10.79 -26.09 -7.20
CA ASP A 363 -11.14 -27.49 -6.99
C ASP A 363 -9.93 -28.42 -7.04
N GLU A 364 -8.94 -28.12 -7.86
CA GLU A 364 -7.70 -28.89 -7.89
C GLU A 364 -7.06 -28.94 -6.51
N VAL A 365 -7.14 -27.82 -5.79
CA VAL A 365 -6.55 -27.68 -4.47
C VAL A 365 -7.42 -28.39 -3.44
N LEU A 366 -8.72 -28.26 -3.60
CA LEU A 366 -9.67 -28.87 -2.69
C LEU A 366 -9.57 -30.40 -2.74
N ASN A 367 -9.28 -30.94 -3.91
CA ASN A 367 -9.17 -32.38 -4.05
C ASN A 367 -7.73 -32.85 -4.20
N LYS A 368 -6.78 -32.03 -3.77
CA LYS A 368 -5.37 -32.35 -3.91
C LYS A 368 -5.01 -33.59 -3.10
N ASN A 369 -5.40 -33.58 -1.84
CA ASN A 369 -5.25 -34.73 -0.96
C ASN A 369 -6.26 -34.59 0.16
N ASP A 370 -6.15 -35.42 1.18
CA ASP A 370 -7.18 -35.45 2.21
C ASP A 370 -6.66 -35.05 3.58
N LYS A 371 -5.81 -34.03 3.62
CA LYS A 371 -5.38 -33.50 4.90
C LYS A 371 -5.72 -32.03 5.03
N ASP A 372 -5.78 -31.56 6.27
CA ASP A 372 -6.16 -30.19 6.57
C ASP A 372 -5.36 -29.21 5.75
N ALA A 373 -6.03 -28.17 5.24
CA ALA A 373 -5.45 -27.30 4.25
C ALA A 373 -5.69 -25.85 4.59
N VAL A 374 -4.73 -25.00 4.24
CA VAL A 374 -4.96 -23.56 4.22
C VAL A 374 -4.72 -23.09 2.81
N LEU A 375 -5.77 -22.58 2.17
CA LEU A 375 -5.69 -22.07 0.82
C LEU A 375 -5.82 -20.55 0.81
N ILE A 376 -4.86 -19.88 0.21
CA ILE A 376 -4.88 -18.43 0.17
C ILE A 376 -5.22 -17.98 -1.22
N LEU A 377 -6.23 -17.13 -1.32
CA LEU A 377 -6.57 -16.53 -2.59
C LEU A 377 -6.22 -15.08 -2.50
N HIS A 378 -5.19 -14.67 -3.20
CA HIS A 378 -4.79 -13.29 -3.14
C HIS A 378 -5.37 -12.57 -4.35
N THR A 379 -6.31 -11.69 -4.07
CA THR A 379 -7.14 -11.06 -5.07
C THR A 379 -6.65 -9.65 -5.40
N ILE A 380 -7.10 -9.12 -6.52
CA ILE A 380 -6.72 -7.78 -6.94
C ILE A 380 -7.79 -6.78 -6.51
N GLY A 381 -8.93 -7.32 -6.08
CA GLY A 381 -9.98 -6.59 -5.39
C GLY A 381 -10.49 -5.30 -6.00
N SER A 382 -10.36 -4.21 -5.25
CA SER A 382 -10.77 -2.90 -5.71
C SER A 382 -9.60 -2.09 -6.20
N HIS A 383 -8.52 -2.77 -6.59
CA HIS A 383 -7.32 -2.07 -6.99
C HIS A 383 -7.61 -1.03 -8.04
N GLY A 384 -7.23 0.20 -7.75
CA GLY A 384 -7.26 1.27 -8.72
C GLY A 384 -5.89 1.50 -9.29
N PRO A 385 -5.75 2.47 -10.20
CA PRO A 385 -6.81 3.41 -10.57
C PRO A 385 -7.82 2.88 -11.60
N THR A 386 -7.53 1.77 -12.26
CA THR A 386 -8.46 1.19 -13.20
C THR A 386 -9.50 0.33 -12.48
N TYR A 387 -10.25 0.97 -11.59
CA TYR A 387 -11.33 0.31 -10.88
C TYR A 387 -12.34 -0.36 -11.81
N TYR A 388 -12.55 0.23 -12.99
CA TYR A 388 -13.58 -0.23 -13.90
C TYR A 388 -13.30 -1.63 -14.44
N GLU A 389 -12.08 -2.10 -14.24
CA GLU A 389 -11.68 -3.41 -14.72
C GLU A 389 -11.91 -4.47 -13.66
N ARG A 390 -12.32 -4.03 -12.48
CA ARG A 390 -12.41 -4.92 -11.35
C ARG A 390 -13.76 -5.60 -11.25
N TYR A 391 -14.62 -5.36 -12.21
CA TYR A 391 -15.94 -6.01 -12.26
C TYR A 391 -16.45 -6.17 -13.69
N THR A 392 -17.47 -7.00 -13.86
CA THR A 392 -18.13 -7.17 -15.16
C THR A 392 -19.45 -6.40 -15.22
N GLU A 393 -20.09 -6.37 -16.38
CA GLU A 393 -21.34 -5.62 -16.58
C GLU A 393 -22.43 -6.00 -15.60
N ALA A 394 -22.54 -7.29 -15.29
CA ALA A 394 -23.47 -7.77 -14.28
C ALA A 394 -23.44 -7.03 -12.94
N GLU A 395 -22.27 -6.49 -12.56
CA GLU A 395 -22.17 -5.79 -11.30
C GLU A 395 -22.12 -4.29 -11.48
N ARG A 396 -22.39 -3.80 -12.67
CA ARG A 396 -22.36 -2.36 -12.89
C ARG A 396 -23.65 -1.72 -12.44
N LYS A 397 -23.88 -1.74 -11.14
CA LYS A 397 -25.13 -1.32 -10.54
C LYS A 397 -25.21 0.16 -10.28
N PHE A 398 -24.08 0.81 -10.06
CA PHE A 398 -24.11 2.22 -9.74
C PHE A 398 -23.44 2.97 -10.87
N THR A 399 -24.16 3.95 -11.39
CA THR A 399 -23.81 4.65 -12.63
C THR A 399 -24.18 6.12 -12.52
N PRO A 400 -23.49 6.99 -13.29
CA PRO A 400 -22.37 6.78 -14.19
C PRO A 400 -21.09 6.28 -13.52
N THR A 401 -20.21 5.73 -14.33
CA THR A 401 -18.98 5.16 -13.83
C THR A 401 -17.78 5.94 -14.35
N CYS A 402 -16.61 5.59 -13.84
CA CYS A 402 -15.36 6.21 -14.25
C CYS A 402 -14.55 5.18 -15.02
N ASP A 403 -14.72 5.14 -16.33
CA ASP A 403 -14.13 4.08 -17.13
C ASP A 403 -12.82 4.50 -17.75
N THR A 404 -11.90 4.93 -16.90
CA THR A 404 -10.60 5.40 -17.32
C THR A 404 -9.64 5.29 -16.13
N ASN A 405 -8.34 5.42 -16.37
CA ASN A 405 -7.40 5.46 -15.25
C ASN A 405 -7.18 6.90 -14.82
N GLU A 406 -7.76 7.83 -15.55
CA GLU A 406 -7.66 9.23 -15.19
C GLU A 406 -8.69 9.55 -14.13
N ILE A 407 -8.58 8.85 -13.01
CA ILE A 407 -9.60 8.91 -11.98
C ILE A 407 -9.77 10.30 -11.36
N ASN A 408 -8.81 11.20 -11.59
CA ASN A 408 -8.92 12.51 -10.97
C ASN A 408 -9.72 13.50 -11.81
N LYS A 409 -10.06 13.13 -13.05
CA LYS A 409 -10.92 13.99 -13.85
C LYS A 409 -12.39 13.54 -13.80
N CYS A 410 -12.64 12.33 -13.36
CA CYS A 410 -14.01 11.91 -13.03
C CYS A 410 -14.54 12.74 -11.86
N THR A 411 -15.86 12.88 -11.75
CA THR A 411 -16.42 13.57 -10.59
C THR A 411 -16.32 12.59 -9.43
N ARG A 412 -16.24 13.09 -8.21
CA ARG A 412 -15.99 12.21 -7.08
C ARG A 412 -17.12 11.21 -6.92
N ALA A 413 -18.34 11.62 -7.23
CA ALA A 413 -19.50 10.74 -7.14
C ALA A 413 -19.45 9.63 -8.19
N THR A 414 -19.00 9.97 -9.39
CA THR A 414 -18.77 8.99 -10.45
C THR A 414 -17.69 7.98 -10.06
N LEU A 415 -16.67 8.43 -9.37
CA LEU A 415 -15.59 7.56 -8.89
C LEU A 415 -16.07 6.63 -7.76
N VAL A 416 -16.82 7.17 -6.81
CA VAL A 416 -17.41 6.36 -5.75
C VAL A 416 -18.30 5.27 -6.32
N ASN A 417 -19.09 5.61 -7.34
CA ASN A 417 -19.94 4.64 -8.06
C ASN A 417 -19.14 3.49 -8.60
N THR A 418 -18.15 3.79 -9.42
CA THR A 418 -17.22 2.81 -9.93
C THR A 418 -16.62 1.92 -8.85
N TYR A 419 -16.25 2.52 -7.72
CA TYR A 419 -15.61 1.81 -6.63
C TYR A 419 -16.59 0.93 -5.86
N ASP A 420 -17.84 1.38 -5.75
CA ASP A 420 -18.88 0.56 -5.16
C ASP A 420 -19.24 -0.64 -6.05
N ASN A 421 -19.00 -0.54 -7.34
CA ASN A 421 -19.20 -1.67 -8.22
C ASN A 421 -18.12 -2.72 -8.02
N THR A 422 -16.90 -2.30 -7.70
CA THR A 422 -15.81 -3.25 -7.38
C THR A 422 -16.13 -4.08 -6.15
N VAL A 423 -16.80 -3.48 -5.17
CA VAL A 423 -17.16 -4.20 -3.96
C VAL A 423 -18.20 -5.25 -4.29
N LEU A 424 -19.15 -4.92 -5.17
CA LEU A 424 -20.15 -5.87 -5.63
C LEU A 424 -19.53 -7.10 -6.25
N TYR A 425 -18.37 -6.92 -6.86
CA TYR A 425 -17.61 -8.04 -7.40
C TYR A 425 -16.85 -8.77 -6.30
N VAL A 426 -16.33 -8.04 -5.31
CA VAL A 426 -15.70 -8.66 -4.14
C VAL A 426 -16.72 -9.53 -3.44
N ASP A 427 -17.90 -8.97 -3.17
CA ASP A 427 -19.00 -9.69 -2.53
C ASP A 427 -19.39 -11.01 -3.22
N GLN A 428 -19.41 -11.05 -4.55
CA GLN A 428 -19.81 -12.27 -5.24
C GLN A 428 -18.67 -13.27 -5.33
N PHE A 429 -17.43 -12.78 -5.24
CA PHE A 429 -16.26 -13.66 -5.19
C PHE A 429 -16.27 -14.47 -3.91
N ILE A 430 -16.49 -13.80 -2.78
CA ILE A 430 -16.54 -14.48 -1.50
C ILE A 430 -17.70 -15.47 -1.50
N ASP A 431 -18.85 -15.02 -1.98
CA ASP A 431 -20.04 -15.88 -2.06
C ASP A 431 -19.80 -17.16 -2.85
N LYS A 432 -19.09 -17.07 -3.97
CA LYS A 432 -18.80 -18.25 -4.76
C LYS A 432 -17.81 -19.19 -4.11
N VAL A 433 -16.91 -18.66 -3.30
CA VAL A 433 -15.99 -19.48 -2.52
C VAL A 433 -16.79 -20.29 -1.51
N ILE A 434 -17.69 -19.64 -0.77
CA ILE A 434 -18.60 -20.31 0.15
C ILE A 434 -19.46 -21.39 -0.50
N ARG A 435 -19.89 -21.16 -1.74
CA ARG A 435 -20.73 -22.12 -2.45
C ARG A 435 -19.96 -23.38 -2.80
N LYS A 436 -18.67 -23.24 -3.09
CA LYS A 436 -17.83 -24.40 -3.33
C LYS A 436 -17.59 -25.23 -2.09
N LEU A 437 -18.03 -24.75 -0.93
CA LEU A 437 -17.71 -25.41 0.33
C LEU A 437 -18.92 -25.77 1.17
N GLU A 438 -20.00 -25.00 1.08
CA GLU A 438 -21.08 -25.09 2.05
C GLU A 438 -21.85 -26.38 2.01
N ASN A 439 -21.74 -27.13 0.92
CA ASN A 439 -22.44 -28.40 0.81
C ASN A 439 -21.53 -29.60 1.04
N ARG A 440 -20.26 -29.33 1.31
CA ARG A 440 -19.28 -30.37 1.61
C ARG A 440 -19.43 -30.80 3.07
N ASP A 441 -20.30 -31.77 3.29
CA ASP A 441 -20.63 -32.22 4.64
C ASP A 441 -19.49 -32.95 5.31
N ASP A 442 -18.57 -33.46 4.50
CA ASP A 442 -17.38 -34.15 4.99
C ASP A 442 -16.26 -33.18 5.34
N LEU A 443 -16.59 -31.90 5.41
CA LEU A 443 -15.58 -30.86 5.50
C LEU A 443 -15.96 -29.84 6.56
N GLU A 444 -15.06 -29.59 7.50
CA GLU A 444 -15.18 -28.46 8.41
C GLU A 444 -14.50 -27.30 7.72
N SER A 445 -15.27 -26.38 7.17
CA SER A 445 -14.71 -25.33 6.33
C SER A 445 -14.88 -23.98 6.96
N VAL A 446 -13.91 -23.12 6.71
CA VAL A 446 -13.94 -21.77 7.19
C VAL A 446 -13.50 -20.92 6.02
N VAL A 447 -14.17 -19.80 5.81
CA VAL A 447 -13.74 -18.85 4.81
C VAL A 447 -13.57 -17.57 5.56
N HIS A 448 -12.40 -16.95 5.37
CA HIS A 448 -12.01 -15.76 6.08
C HIS A 448 -11.64 -14.70 5.05
N TYR A 449 -12.18 -13.49 5.18
CA TYR A 449 -11.81 -12.43 4.25
C TYR A 449 -11.44 -11.18 5.01
N VAL A 450 -10.36 -10.55 4.56
CA VAL A 450 -9.97 -9.25 5.05
C VAL A 450 -9.20 -8.60 3.93
N SER A 451 -9.28 -7.28 3.85
CA SER A 451 -8.54 -6.49 2.86
C SER A 451 -7.15 -6.14 3.38
N ASP A 452 -6.24 -5.69 2.51
CA ASP A 452 -4.88 -5.37 2.93
C ASP A 452 -4.79 -3.93 3.41
N HIS A 453 -5.67 -3.08 2.91
CA HIS A 453 -5.71 -1.67 3.24
C HIS A 453 -6.93 -1.11 2.50
N GLY A 454 -7.37 0.08 2.91
CA GLY A 454 -8.44 0.77 2.24
C GLY A 454 -7.95 1.61 1.09
N GLU A 455 -8.67 2.68 0.82
CA GLU A 455 -8.41 3.50 -0.36
C GLU A 455 -8.92 4.91 -0.17
N SER A 456 -8.28 5.86 -0.83
CA SER A 456 -8.79 7.22 -0.88
C SER A 456 -9.55 7.42 -2.19
N LEU A 457 -10.70 8.07 -2.11
CA LEU A 457 -11.54 8.21 -3.27
C LEU A 457 -11.77 9.66 -3.62
N GLY A 458 -10.71 10.47 -3.46
CA GLY A 458 -10.71 11.85 -3.88
C GLY A 458 -10.94 12.86 -2.78
N GLU A 459 -11.04 12.42 -1.54
CA GLU A 459 -11.26 13.32 -0.43
C GLU A 459 -10.07 14.25 -0.18
N ASN A 460 -10.37 15.51 0.09
CA ASN A 460 -9.38 16.57 0.16
C ASN A 460 -8.31 16.50 -0.92
N GLY A 461 -8.59 15.77 -1.98
CA GLY A 461 -7.70 15.77 -3.13
C GLY A 461 -6.81 14.56 -3.20
N MET A 462 -7.02 13.63 -2.28
CA MET A 462 -6.20 12.43 -2.18
C MET A 462 -6.83 11.21 -2.87
N TYR A 463 -6.05 10.53 -3.71
CA TYR A 463 -6.51 9.35 -4.42
C TYR A 463 -5.60 8.19 -4.13
N LEU A 464 -5.94 7.02 -4.65
CA LEU A 464 -5.22 5.79 -4.37
C LEU A 464 -4.99 5.62 -2.87
N HIS A 465 -3.94 4.92 -2.49
CA HIS A 465 -3.64 4.73 -1.09
C HIS A 465 -2.19 5.08 -0.80
N ALA A 466 -1.57 4.30 0.08
CA ALA A 466 -0.13 4.36 0.34
C ALA A 466 0.25 5.64 1.07
N ALA A 467 -0.65 6.19 1.85
CA ALA A 467 -0.30 7.38 2.60
C ALA A 467 0.51 6.97 3.81
N PRO A 468 1.39 7.87 4.28
CA PRO A 468 2.09 7.58 5.52
C PRO A 468 1.12 7.26 6.66
N TYR A 469 1.26 6.08 7.24
CA TYR A 469 0.32 5.56 8.21
C TYR A 469 -0.06 6.53 9.32
N ALA A 470 0.93 7.27 9.80
CA ALA A 470 0.72 8.18 10.93
C ALA A 470 -0.24 9.30 10.58
N ILE A 471 -0.35 9.61 9.30
CA ILE A 471 -1.26 10.66 8.86
C ILE A 471 -2.35 10.13 7.95
N ALA A 472 -2.36 8.83 7.71
CA ALA A 472 -3.36 8.21 6.84
C ALA A 472 -4.78 8.41 7.34
N PRO A 473 -5.72 8.62 6.41
CA PRO A 473 -7.14 8.82 6.71
C PRO A 473 -7.86 7.51 6.92
N SER A 474 -8.99 7.52 7.63
CA SER A 474 -9.76 6.31 7.95
C SER A 474 -9.98 5.42 6.74
N GLY A 475 -10.17 6.04 5.59
CA GLY A 475 -10.45 5.32 4.38
C GLY A 475 -9.40 4.29 4.03
N GLN A 476 -8.15 4.57 4.37
CA GLN A 476 -7.04 3.70 4.00
C GLN A 476 -6.71 2.67 5.07
N THR A 477 -7.10 2.94 6.30
CA THR A 477 -6.72 2.07 7.42
C THR A 477 -7.89 1.21 7.91
N HIS A 478 -9.12 1.71 7.78
CA HIS A 478 -10.28 0.97 8.20
C HIS A 478 -10.73 0.03 7.07
N ILE A 479 -10.62 -1.27 7.32
CA ILE A 479 -10.85 -2.30 6.30
C ILE A 479 -11.94 -3.26 6.73
N PRO A 480 -12.55 -3.98 5.77
CA PRO A 480 -13.58 -4.96 6.10
C PRO A 480 -13.01 -6.33 6.48
N MET A 481 -13.80 -7.11 7.19
CA MET A 481 -13.39 -8.46 7.51
C MET A 481 -14.63 -9.28 7.82
N VAL A 482 -14.77 -10.45 7.20
CA VAL A 482 -15.90 -11.31 7.49
C VAL A 482 -15.40 -12.73 7.63
N MET A 483 -16.15 -13.56 8.35
CA MET A 483 -15.84 -14.98 8.48
C MET A 483 -17.10 -15.81 8.26
N TRP A 484 -16.95 -16.95 7.60
CA TRP A 484 -18.06 -17.87 7.39
C TRP A 484 -17.60 -19.24 7.84
N PHE A 485 -18.50 -20.03 8.45
CA PHE A 485 -18.18 -21.36 8.94
C PHE A 485 -19.16 -22.40 8.43
N SER A 486 -18.65 -23.48 7.86
CA SER A 486 -19.53 -24.47 7.28
C SER A 486 -20.32 -25.20 8.34
N LYS A 487 -21.34 -25.92 7.91
CA LYS A 487 -22.23 -26.64 8.82
C LYS A 487 -21.51 -27.60 9.73
N ALA A 488 -20.49 -28.28 9.20
CA ALA A 488 -19.76 -29.24 9.99
C ALA A 488 -18.81 -28.52 10.97
N PHE A 489 -18.27 -27.37 10.58
CA PHE A 489 -17.51 -26.58 11.53
C PHE A 489 -18.37 -26.13 12.70
N ARG A 490 -19.64 -25.86 12.48
CA ARG A 490 -20.45 -25.33 13.56
C ARG A 490 -20.95 -26.41 14.46
N GLN A 491 -20.87 -27.64 13.97
CA GLN A 491 -21.26 -28.77 14.78
C GLN A 491 -20.13 -29.13 15.71
N HIS A 492 -18.93 -29.10 15.17
CA HIS A 492 -17.79 -29.78 15.76
C HIS A 492 -16.56 -28.92 15.97
N GLY A 493 -16.60 -27.66 15.60
CA GLY A 493 -15.42 -26.81 15.69
C GLY A 493 -15.18 -26.18 17.05
N GLY A 494 -16.10 -26.40 17.97
CA GLY A 494 -15.96 -25.90 19.31
C GLY A 494 -16.22 -24.43 19.51
N ILE A 495 -16.66 -23.72 18.48
CA ILE A 495 -16.91 -22.29 18.61
C ILE A 495 -18.31 -21.97 19.09
N ASP A 496 -18.43 -20.97 19.94
CA ASP A 496 -19.72 -20.48 20.39
C ASP A 496 -20.04 -19.29 19.49
N PHE A 497 -21.02 -19.47 18.63
CA PHE A 497 -21.21 -18.58 17.49
C PHE A 497 -21.90 -17.28 17.91
N GLN A 498 -22.70 -17.33 18.96
CA GLN A 498 -23.35 -16.12 19.42
C GLN A 498 -22.37 -15.27 20.20
N CYS A 499 -21.50 -15.94 20.95
CA CYS A 499 -20.38 -15.26 21.57
C CYS A 499 -19.58 -14.54 20.50
N LEU A 500 -19.21 -15.26 19.45
CA LEU A 500 -18.42 -14.69 18.39
C LEU A 500 -19.07 -13.48 17.71
N LYS A 501 -20.39 -13.52 17.50
CA LYS A 501 -21.09 -12.41 16.86
C LYS A 501 -21.01 -11.18 17.73
N GLN A 502 -21.23 -11.35 19.03
CA GLN A 502 -21.10 -10.27 19.99
C GLN A 502 -19.69 -9.65 20.06
N LYS A 503 -18.64 -10.47 20.09
CA LYS A 503 -17.28 -9.94 20.08
C LYS A 503 -17.02 -9.14 18.82
N ALA A 504 -17.40 -9.72 17.69
CA ALA A 504 -17.25 -9.07 16.39
C ALA A 504 -17.89 -7.69 16.37
N ALA A 505 -19.02 -7.54 17.04
CA ALA A 505 -19.75 -6.29 17.05
C ALA A 505 -19.16 -5.29 18.04
N GLU A 506 -18.67 -5.79 19.17
CA GLU A 506 -18.21 -4.93 20.27
C GLU A 506 -16.73 -4.56 20.29
N ASN A 507 -15.88 -5.39 19.69
CA ASN A 507 -14.43 -5.22 19.81
C ASN A 507 -13.75 -4.61 18.60
N GLU A 508 -12.60 -3.96 18.81
CA GLU A 508 -11.71 -3.54 17.73
C GLU A 508 -10.74 -4.66 17.41
N TYR A 509 -10.40 -4.82 16.14
CA TYR A 509 -9.40 -5.81 15.74
C TYR A 509 -8.50 -5.16 14.71
N SER A 510 -7.51 -5.93 14.25
CA SER A 510 -6.57 -5.44 13.26
C SER A 510 -5.91 -6.64 12.63
N HIS A 511 -4.92 -6.39 11.79
CA HIS A 511 -4.20 -7.48 11.16
C HIS A 511 -3.39 -8.29 12.17
N ASP A 512 -3.14 -7.70 13.34
CA ASP A 512 -2.37 -8.34 14.40
C ASP A 512 -3.05 -9.61 14.92
N HIS A 513 -4.35 -9.71 14.65
CA HIS A 513 -5.12 -10.86 15.07
C HIS A 513 -5.14 -11.98 14.03
N TYR A 514 -4.56 -11.69 12.89
CA TYR A 514 -4.59 -12.61 11.79
C TYR A 514 -3.78 -13.87 12.11
N PHE A 515 -2.51 -13.68 12.43
CA PHE A 515 -1.57 -14.77 12.69
C PHE A 515 -2.07 -15.87 13.64
N SER A 516 -2.56 -15.49 14.82
CA SER A 516 -2.93 -16.49 15.82
C SER A 516 -4.33 -17.03 15.60
N THR A 517 -5.13 -16.28 14.83
CA THR A 517 -6.46 -16.74 14.49
C THR A 517 -6.37 -17.90 13.52
N VAL A 518 -5.49 -17.79 12.53
CA VAL A 518 -5.30 -18.85 11.56
C VAL A 518 -4.68 -20.08 12.16
N LEU A 519 -3.81 -19.90 13.16
CA LEU A 519 -3.18 -21.03 13.83
C LEU A 519 -4.13 -21.81 14.70
N GLY A 520 -5.05 -21.10 15.34
CA GLY A 520 -6.08 -21.73 16.13
C GLY A 520 -7.06 -22.52 15.32
N LEU A 521 -7.20 -22.21 14.03
CA LEU A 521 -8.13 -22.94 13.17
C LEU A 521 -7.55 -24.27 12.72
N MET A 522 -6.26 -24.47 12.97
CA MET A 522 -5.60 -25.70 12.56
C MET A 522 -5.28 -26.63 13.73
N ASP A 523 -5.64 -26.23 14.95
CA ASP A 523 -5.45 -27.09 16.10
C ASP A 523 -3.98 -27.50 16.30
N ILE A 524 -3.09 -26.52 16.44
CA ILE A 524 -1.67 -26.78 16.38
C ILE A 524 -0.99 -26.81 17.74
N SER A 525 -0.29 -27.90 18.02
CA SER A 525 0.42 -28.08 19.28
C SER A 525 1.85 -27.54 19.29
N ASN A 526 2.34 -27.24 20.49
CA ASN A 526 3.73 -26.93 20.68
C ASN A 526 4.15 -25.66 19.96
N SER A 527 3.28 -24.66 19.97
CA SER A 527 3.54 -23.42 19.27
C SER A 527 3.95 -22.34 20.23
N GLN A 528 5.12 -21.77 19.99
CA GLN A 528 5.63 -20.71 20.85
C GLN A 528 5.19 -19.35 20.32
N THR A 529 4.91 -19.27 19.03
CA THR A 529 4.50 -18.02 18.41
C THR A 529 3.02 -17.71 18.61
N TYR A 530 2.23 -18.76 18.82
CA TYR A 530 0.80 -18.59 19.08
C TYR A 530 0.52 -17.80 20.36
N ARG A 531 -0.26 -16.73 20.25
CA ARG A 531 -0.77 -16.02 21.40
C ARG A 531 -2.29 -16.09 21.53
N LYS A 532 -2.77 -16.85 22.50
CA LYS A 532 -4.20 -17.02 22.78
C LYS A 532 -4.99 -15.72 22.84
N GLU A 533 -4.37 -14.64 23.27
CA GLU A 533 -5.11 -13.39 23.42
C GLU A 533 -5.18 -12.62 22.10
N MET A 534 -4.59 -13.15 21.05
CA MET A 534 -4.63 -12.51 19.74
C MET A 534 -5.37 -13.40 18.75
N ASP A 535 -5.92 -14.50 19.24
CA ASP A 535 -6.77 -15.39 18.48
C ASP A 535 -8.22 -14.96 18.69
N ILE A 536 -8.86 -14.48 17.63
CA ILE A 536 -10.18 -13.88 17.76
C ILE A 536 -11.21 -14.87 18.29
N LEU A 537 -10.98 -16.16 18.02
CA LEU A 537 -11.93 -17.20 18.37
C LEU A 537 -11.66 -17.86 19.71
N ALA A 538 -10.49 -17.62 20.29
CA ALA A 538 -10.10 -18.28 21.53
C ALA A 538 -11.08 -18.00 22.65
N ALA A 539 -11.58 -16.77 22.69
CA ALA A 539 -12.50 -16.35 23.74
C ALA A 539 -13.84 -17.04 23.62
N CYS A 540 -14.08 -17.65 22.48
CA CYS A 540 -15.39 -18.22 22.16
C CYS A 540 -15.31 -19.71 21.88
N ARG A 541 -14.10 -20.25 22.05
CA ARG A 541 -13.85 -21.66 21.87
C ARG A 541 -14.26 -22.44 23.11
N ARG A 542 -14.87 -23.61 22.92
CA ARG A 542 -15.35 -24.44 24.02
C ARG A 542 -14.90 -25.88 23.78
N PRO A 543 -14.57 -26.60 24.86
CA PRO A 543 -14.41 -26.05 26.20
C PRO A 543 -13.07 -25.34 26.37
C1 BGL B . 13.73 12.72 6.46
O1 BGL B . 14.42 13.15 7.58
C2 BGL B . 14.25 13.45 5.25
O2 BGL B . 13.96 14.87 5.38
C3 BGL B . 13.59 12.95 4.04
O3 BGL B . 14.09 13.69 2.88
C4 BGL B . 13.81 11.47 3.88
O4 BGL B . 13.03 11.01 2.75
C5 BGL B . 13.38 10.68 5.09
O5 BGL B . 13.87 11.23 6.36
C6 BGL B . 13.85 9.25 4.96
O6 BGL B . 13.50 8.48 6.11
C1' BGL B . 15.10 15.75 5.64
C2' BGL B . 14.58 17.11 6.18
C3' BGL B . 14.07 18.05 5.07
C4' BGL B . 15.22 18.44 4.10
C5' BGL B . 14.84 19.66 3.24
C6' BGL B . 15.83 19.79 2.09
C7' BGL B . 15.34 20.76 1.02
C8' BGL B . 16.14 20.57 -0.30
H1 BGL B . 12.80 12.93 6.58
HO1 BGL B . 14.28 12.58 8.25
H2 BGL B . 15.23 13.31 5.17
H3 BGL B . 12.64 13.12 4.12
HO3 BGL B . 13.70 14.49 2.84
H4 BGL B . 14.76 11.30 3.70
HO4 BGL B . 12.20 10.89 3.00
H5 BGL B . 12.40 10.68 5.13
H61 BGL B . 14.83 9.23 4.85
H62 BGL B . 13.45 8.85 4.17
HO6 BGL B . 13.73 8.94 6.86
H1'1 BGL B . 15.62 15.89 4.83
H1'2 BGL B . 15.66 15.34 6.32
H2'1 BGL B . 15.30 17.55 6.66
H2'2 BGL B . 13.84 16.93 6.80
H3'1 BGL B . 13.70 18.87 5.47
H3'2 BGL B . 13.37 17.61 4.57
H4'1 BGL B . 15.41 17.67 3.50
H4'2 BGL B . 16.02 18.64 4.61
H5'1 BGL B . 14.87 20.48 3.79
H5'2 BGL B . 13.94 19.55 2.88
H6'1 BGL B . 15.94 18.91 1.68
H6'2 BGL B . 16.68 20.09 2.43
H7'1 BGL B . 15.44 21.67 1.34
H7'2 BGL B . 14.39 20.58 0.84
H8'1 BGL B . 16.10 19.64 -0.58
H8'2 BGL B . 17.09 20.82 -0.14
H8'3 BGL B . 15.76 21.15 -0.99
C1B LMT C . 1.17 -0.29 -6.18
C2B LMT C . 0.11 -0.51 -5.16
C3B LMT C . 0.68 -0.76 -3.84
C4B LMT C . 1.76 -1.80 -3.85
C5B LMT C . 2.79 -1.59 -4.93
C6B LMT C . 3.68 -2.78 -5.05
O1B LMT C . 1.77 0.86 -5.74
O2B LMT C . -0.59 0.75 -5.10
O3B LMT C . -0.39 -1.16 -2.92
O4' LMT C . 2.42 -1.74 -2.58
O5B LMT C . 2.17 -1.37 -6.23
O6B LMT C . 3.00 -3.81 -5.74
C1' LMT C . 3.11 4.35 -7.45
C2' LMT C . 1.66 4.28 -7.06
C3' LMT C . 1.51 3.16 -6.12
C4' LMT C . 1.84 1.88 -6.77
C5' LMT C . 3.24 1.90 -7.31
C6' LMT C . 3.48 0.70 -8.15
O1' LMT C . 3.34 5.43 -8.33
O2' LMT C . 1.25 5.50 -6.43
O3' LMT C . 0.16 3.10 -5.60
O5' LMT C . 3.49 3.09 -8.13
O6' LMT C . 3.26 1.07 -9.50
C1 LMT C . 3.51 6.71 -7.72
C2 LMT C . 5.03 7.00 -7.58
C3 LMT C . 5.70 6.80 -8.94
C4 LMT C . 6.31 8.16 -9.32
C5 LMT C . 7.62 7.91 -10.19
C6 LMT C . 8.49 6.92 -9.44
C7 LMT C . 9.75 6.60 -10.31
C8 LMT C . 10.87 6.07 -9.34
C9 LMT C . 11.67 7.27 -8.81
C10 LMT C . 12.35 6.92 -7.47
C11 LMT C . 13.78 6.40 -7.72
C12 LMT C . 13.71 5.03 -8.40
ZN ZN D . -2.93 -3.40 -1.48
#